data_5QIO
#
_entry.id   5QIO
#
_cell.length_a   46.797
_cell.length_b   58.146
_cell.length_c   49.295
_cell.angle_alpha   90.000
_cell.angle_beta   116.250
_cell.angle_gamma   90.000
#
_symmetry.space_group_name_H-M   'P 1 21 1'
#
loop_
_entity.id
_entity.type
_entity.pdbx_description
1 polymer 'Ubiquitin thioesterase OTUB2'
2 non-polymer 'UNKNOWN LIGAND'
3 non-polymer "(1S,2S)-N'-(chloroacetyl)-2-phenylcyclopropane-1-carbohydrazide"
4 water water
#
_entity_poly.entity_id   1
_entity_poly.type   'polypeptide(L)'
_entity_poly.pdbx_seq_one_letter_code
;FNLISEKCDILSILRDHPENRIYRRKIEELSKRFTAIRKTKGDRNCFYRALGYSYLESLLGKSREIFKFKERVLQTPNDL
LAAGFEEHKFRNFFNAFYSVVELVEKDGSVSSLLKVFNDQSASDHIVQFLRLLTSAFIRNRADFFRHFIDEEMDIKDFCT
HEVEPMATECDHIQITALSQALSIALQVEYVDEMDTALNHHVFPEAATPSVYLLYKTSHYNILYA
;
_entity_poly.pdbx_strand_id   A
#
# COMPACT_ATOMS: atom_id res chain seq x y z
N PHE A 1 11.56 13.36 7.13
CA PHE A 1 10.47 12.91 6.20
C PHE A 1 11.08 12.33 4.93
N ASN A 2 12.05 11.29 5.14
CA ASN A 2 12.76 10.75 4.00
C ASN A 2 12.03 9.52 3.42
N LEU A 3 11.03 8.96 4.12
CA LEU A 3 10.32 7.79 3.56
C LEU A 3 8.92 8.19 3.06
N ILE A 4 8.23 9.06 3.79
CA ILE A 4 6.93 9.58 3.38
C ILE A 4 6.91 11.07 3.69
N SER A 5 6.65 11.87 2.65
CA SER A 5 6.77 13.33 2.73
C SER A 5 5.59 13.98 3.43
N GLU A 6 5.78 15.26 3.77
CA GLU A 6 4.72 16.16 4.09
C GLU A 6 3.78 16.32 2.88
N LYS A 7 2.57 16.81 3.10
CA LYS A 7 1.64 16.99 1.99
C LYS A 7 2.08 18.16 1.14
N CYS A 8 1.99 17.99 -0.19
CA CYS A 8 2.36 19.01 -1.16
C CYS A 8 1.18 19.24 -2.12
N ASP A 9 1.18 20.42 -2.73
CA ASP A 9 0.25 20.70 -3.80
C ASP A 9 0.50 19.75 -4.97
N ILE A 10 -0.55 19.25 -5.63
CA ILE A 10 -0.42 18.23 -6.68
C ILE A 10 0.50 18.73 -7.83
N LEU A 11 0.43 20.02 -8.20
CA LEU A 11 1.25 20.49 -9.32
C LEU A 11 2.73 20.61 -8.93
N SER A 12 3.07 20.38 -7.66
CA SER A 12 4.49 20.38 -7.23
C SER A 12 5.31 19.29 -7.94
N ILE A 13 4.65 18.26 -8.48
CA ILE A 13 5.37 17.18 -9.13
C ILE A 13 5.63 17.47 -10.61
N LEU A 14 5.15 18.59 -11.16
CA LEU A 14 5.59 18.95 -12.53
C LEU A 14 7.13 19.02 -12.64
N ARG A 15 7.80 19.49 -11.57
CA ARG A 15 9.26 19.65 -11.59
C ARG A 15 10.00 18.31 -11.71
N ASP A 16 9.30 17.18 -11.48
CA ASP A 16 9.91 15.88 -11.61
C ASP A 16 10.08 15.46 -13.08
N HIS A 17 9.31 16.04 -14.01
CA HIS A 17 9.46 15.74 -15.41
C HIS A 17 9.32 17.02 -16.20
N PRO A 18 10.29 17.94 -16.03
CA PRO A 18 10.18 19.25 -16.64
C PRO A 18 10.17 19.16 -18.17
N GLU A 19 9.45 20.07 -18.83
CA GLU A 19 9.45 20.06 -20.30
C GLU A 19 9.13 18.65 -20.83
N ASN A 20 8.17 17.98 -20.19
CA ASN A 20 7.67 16.72 -20.70
C ASN A 20 6.17 16.88 -20.95
N ARG A 21 5.78 16.98 -22.24
CA ARG A 21 4.44 17.42 -22.64
C ARG A 21 3.36 16.49 -22.06
N ILE A 22 3.59 15.19 -22.19
CA ILE A 22 2.58 14.18 -21.85
C ILE A 22 2.46 14.10 -20.32
N TYR A 23 3.58 14.08 -19.60
CA TYR A 23 3.49 14.10 -18.16
C TYR A 23 2.81 15.40 -17.69
N ARG A 24 3.16 16.56 -18.26
CA ARG A 24 2.52 17.81 -17.82
C ARG A 24 1.00 17.72 -18.06
N ARG A 25 0.60 17.24 -19.25
CA ARG A 25 -0.85 17.13 -19.53
C ARG A 25 -1.54 16.24 -18.48
N LYS A 26 -0.96 15.06 -18.19
CA LYS A 26 -1.64 14.15 -17.30
C LYS A 26 -1.65 14.66 -15.86
N ILE A 27 -0.58 15.34 -15.43
CA ILE A 27 -0.55 15.88 -14.04
C ILE A 27 -1.55 17.04 -13.92
N GLU A 28 -1.66 17.86 -14.97
CA GLU A 28 -2.68 18.93 -14.97
C GLU A 28 -4.09 18.34 -14.88
N GLU A 29 -4.36 17.26 -15.62
CA GLU A 29 -5.67 16.59 -15.54
C GLU A 29 -5.92 16.02 -14.13
N LEU A 30 -4.87 15.41 -13.56
CA LEU A 30 -4.95 14.83 -12.26
C LEU A 30 -5.31 15.89 -11.21
N SER A 31 -4.74 17.09 -11.38
CA SER A 31 -4.94 18.22 -10.45
C SER A 31 -6.39 18.68 -10.46
N LYS A 32 -7.18 18.27 -11.47
CA LYS A 32 -8.63 18.62 -11.49
C LYS A 32 -9.44 17.78 -10.52
N ARG A 33 -8.93 16.57 -10.16
CA ARG A 33 -9.65 15.63 -9.32
C ARG A 33 -9.00 15.49 -7.95
N PHE A 34 -7.73 15.85 -7.82
CA PHE A 34 -6.99 15.67 -6.58
C PHE A 34 -6.31 16.98 -6.18
N THR A 35 -6.22 17.27 -4.87
CA THR A 35 -5.71 18.56 -4.40
C THR A 35 -4.26 18.44 -3.88
N ALA A 36 -3.83 17.26 -3.44
CA ALA A 36 -2.57 17.18 -2.74
C ALA A 36 -1.96 15.79 -2.94
N ILE A 37 -0.66 15.70 -2.65
CA ILE A 37 0.12 14.47 -2.84
C ILE A 37 1.15 14.36 -1.72
N ARG A 38 1.46 13.12 -1.32
CA ARG A 38 2.62 12.83 -0.53
C ARG A 38 3.52 11.92 -1.34
N LYS A 39 4.81 12.23 -1.33
CA LYS A 39 5.80 11.46 -2.04
C LYS A 39 6.32 10.36 -1.10
N THR A 40 6.68 9.21 -1.68
CA THR A 40 7.25 8.08 -0.95
C THR A 40 8.65 7.81 -1.52
N LYS A 41 9.54 7.28 -0.69
CA LYS A 41 10.87 6.89 -1.19
C LYS A 41 10.76 5.71 -2.17
N GLY A 42 11.49 5.83 -3.30
CA GLY A 42 11.51 4.78 -4.30
C GLY A 42 12.57 3.74 -4.01
N ASP A 43 12.30 2.80 -3.12
CA ASP A 43 13.27 1.82 -2.62
C ASP A 43 12.87 0.37 -2.92
N ARG A 44 11.80 0.18 -3.68
CA ARG A 44 11.22 -1.11 -3.90
C ARG A 44 10.12 -1.50 -2.92
N ASN A 45 9.93 -0.70 -1.86
CA ASN A 45 8.91 -1.03 -0.81
C ASN A 45 7.73 -0.05 -0.86
N CYS A 46 7.72 0.86 -1.83
CA CYS A 46 6.84 1.99 -1.68
C CYS A 46 5.35 1.62 -1.78
N PHE A 47 4.95 0.53 -2.45
CA PHE A 47 3.52 0.17 -2.50
C PHE A 47 3.03 -0.13 -1.08
N TYR A 48 3.78 -1.00 -0.40
CA TYR A 48 3.40 -1.45 0.94
C TYR A 48 3.43 -0.28 1.92
N ARG A 49 4.51 0.50 1.82
CA ARG A 49 4.69 1.66 2.71
C ARG A 49 3.58 2.70 2.48
N ALA A 50 3.24 2.99 1.23
CA ALA A 50 2.22 3.99 0.91
C ALA A 50 0.82 3.48 1.30
N LEU A 51 0.52 2.19 1.02
CA LEU A 51 -0.83 1.69 1.35
C LEU A 51 -1.00 1.68 2.87
N GLY A 52 0.05 1.19 3.57
CA GLY A 52 0.01 1.12 5.01
C GLY A 52 -0.22 2.47 5.63
N TYR A 53 0.57 3.48 5.23
CA TYR A 53 0.43 4.82 5.79
C TYR A 53 -0.95 5.40 5.43
N SER A 54 -1.31 5.37 4.15
N SER A 54 -1.31 5.34 4.16
CA SER A 54 -2.55 6.07 3.73
CA SER A 54 -2.50 6.03 3.72
C SER A 54 -3.79 5.44 4.35
C SER A 54 -3.77 5.43 4.34
N TYR A 55 -3.87 4.10 4.40
CA TYR A 55 -5.02 3.45 5.00
C TYR A 55 -5.12 3.79 6.48
N LEU A 56 -4.01 3.66 7.22
CA LEU A 56 -4.08 3.98 8.65
C LEU A 56 -4.43 5.46 8.87
N GLU A 57 -3.90 6.36 8.06
CA GLU A 57 -4.26 7.81 8.14
C GLU A 57 -5.78 8.00 7.94
N SER A 58 -6.36 7.20 7.02
CA SER A 58 -7.81 7.32 6.71
C SER A 58 -8.66 6.87 7.90
N LEU A 59 -8.08 6.11 8.84
CA LEU A 59 -8.81 5.59 10.02
C LEU A 59 -8.83 6.61 11.18
N LEU A 60 -7.96 7.60 11.15
CA LEU A 60 -7.80 8.46 12.31
C LEU A 60 -9.14 9.09 12.68
N GLY A 61 -9.45 8.96 13.97
CA GLY A 61 -10.71 9.55 14.56
C GLY A 61 -11.98 8.77 14.27
N LYS A 62 -11.90 7.60 13.63
CA LYS A 62 -13.09 6.83 13.20
C LYS A 62 -13.21 5.61 14.11
N SER A 63 -13.89 5.74 15.25
CA SER A 63 -13.90 4.72 16.28
C SER A 63 -14.49 3.37 15.83
N ARG A 64 -15.55 3.35 15.02
CA ARG A 64 -16.10 2.07 14.56
C ARG A 64 -15.12 1.37 13.61
N GLU A 65 -14.56 2.13 12.67
CA GLU A 65 -13.73 1.53 11.63
C GLU A 65 -12.42 1.05 12.25
N ILE A 66 -11.91 1.78 13.26
CA ILE A 66 -10.72 1.33 13.99
C ILE A 66 -11.01 0.00 14.68
N PHE A 67 -12.14 -0.09 15.40
CA PHE A 67 -12.48 -1.33 16.09
C PHE A 67 -12.52 -2.49 15.09
N LYS A 68 -13.20 -2.31 13.97
CA LYS A 68 -13.32 -3.40 12.96
C LYS A 68 -11.96 -3.79 12.42
N PHE A 69 -11.09 -2.80 12.15
CA PHE A 69 -9.79 -3.12 11.56
C PHE A 69 -8.94 -3.87 12.57
N LYS A 70 -8.91 -3.42 13.82
CA LYS A 70 -8.18 -4.14 14.88
C LYS A 70 -8.66 -5.59 14.97
N GLU A 71 -9.98 -5.82 14.90
CA GLU A 71 -10.52 -7.17 14.96
C GLU A 71 -9.91 -8.02 13.81
N ARG A 72 -9.81 -7.46 12.62
CA ARG A 72 -9.22 -8.20 11.49
C ARG A 72 -7.71 -8.43 11.72
N VAL A 73 -6.99 -7.40 12.17
CA VAL A 73 -5.54 -7.52 12.39
C VAL A 73 -5.24 -8.62 13.41
N LEU A 74 -6.07 -8.69 14.46
CA LEU A 74 -5.84 -9.73 15.50
C LEU A 74 -5.99 -11.14 14.92
N GLN A 75 -6.72 -11.33 13.81
CA GLN A 75 -6.80 -12.65 13.20
C GLN A 75 -5.66 -12.96 12.23
N THR A 76 -4.88 -11.96 11.79
CA THR A 76 -3.88 -12.18 10.74
C THR A 76 -2.82 -13.21 11.14
N PRO A 77 -2.40 -13.39 12.42
CA PRO A 77 -1.49 -14.50 12.72
C PRO A 77 -2.00 -15.85 12.23
N ASN A 78 -3.32 -16.05 12.30
CA ASN A 78 -3.89 -17.33 11.83
C ASN A 78 -3.68 -17.49 10.31
N ASP A 79 -3.81 -16.41 9.53
CA ASP A 79 -3.56 -16.48 8.11
C ASP A 79 -2.11 -16.89 7.85
N LEU A 80 -1.19 -16.26 8.60
CA LEU A 80 0.25 -16.56 8.45
C LEU A 80 0.54 -18.04 8.81
N LEU A 81 -0.02 -18.49 9.94
CA LEU A 81 0.21 -19.87 10.40
C LEU A 81 -0.34 -20.86 9.35
N ALA A 82 -1.53 -20.57 8.79
CA ALA A 82 -2.13 -21.51 7.84
C ALA A 82 -1.30 -21.66 6.57
N ALA A 83 -0.49 -20.63 6.23
CA ALA A 83 0.34 -20.63 5.03
C ALA A 83 1.74 -21.19 5.28
N GLY A 84 2.01 -21.56 6.52
CA GLY A 84 3.29 -22.25 6.90
C GLY A 84 4.33 -21.32 7.52
N PHE A 85 3.98 -20.06 7.79
CA PHE A 85 4.93 -19.18 8.52
C PHE A 85 4.92 -19.55 10.00
N GLU A 86 6.08 -19.44 10.63
CA GLU A 86 6.22 -19.82 12.02
C GLU A 86 6.07 -18.57 12.89
N GLU A 87 5.36 -18.68 14.01
CA GLU A 87 5.04 -17.56 14.85
C GLU A 87 6.33 -16.87 15.34
N HIS A 88 7.38 -17.63 15.69
CA HIS A 88 8.54 -16.98 16.26
C HIS A 88 9.29 -16.19 15.19
N LYS A 89 9.05 -16.46 13.90
CA LYS A 89 9.67 -15.74 12.79
C LYS A 89 8.82 -14.55 12.30
N PHE A 90 7.52 -14.52 12.60
CA PHE A 90 6.68 -13.34 12.22
C PHE A 90 6.36 -12.41 13.40
N ARG A 91 6.58 -12.86 14.63
CA ARG A 91 6.22 -12.12 15.87
C ARG A 91 6.68 -10.67 15.80
N ASN A 92 7.97 -10.42 15.46
CA ASN A 92 8.49 -9.06 15.57
C ASN A 92 7.75 -8.12 14.59
N PHE A 93 7.33 -8.66 13.45
CA PHE A 93 6.66 -7.87 12.40
C PHE A 93 5.18 -7.66 12.73
N PHE A 94 4.49 -8.71 13.16
CA PHE A 94 3.13 -8.56 13.65
C PHE A 94 3.07 -7.54 14.78
N ASN A 95 3.98 -7.65 15.74
CA ASN A 95 3.94 -6.72 16.89
C ASN A 95 4.13 -5.28 16.43
N ALA A 96 4.98 -5.04 15.42
CA ALA A 96 5.19 -3.69 14.97
C ALA A 96 3.92 -3.16 14.32
N PHE A 97 3.21 -4.01 13.59
CA PHE A 97 2.01 -3.56 12.90
C PHE A 97 0.88 -3.32 13.91
N TYR A 98 0.71 -4.25 14.85
CA TYR A 98 -0.31 -4.04 15.88
C TYR A 98 -0.01 -2.75 16.65
N SER A 99 1.28 -2.49 16.96
CA SER A 99 1.66 -1.26 17.65
C SER A 99 1.21 0.00 16.91
N VAL A 100 1.36 0.09 15.58
CA VAL A 100 0.98 1.31 14.92
C VAL A 100 -0.55 1.42 14.79
N VAL A 101 -1.28 0.30 14.75
CA VAL A 101 -2.75 0.34 14.79
C VAL A 101 -3.22 0.89 16.14
N GLU A 102 -2.59 0.45 17.22
CA GLU A 102 -2.91 0.99 18.54
C GLU A 102 -2.56 2.48 18.62
N LEU A 103 -1.50 2.94 17.94
CA LEU A 103 -1.16 4.37 17.94
C LEU A 103 -2.25 5.18 17.24
N VAL A 104 -2.79 4.65 16.15
CA VAL A 104 -3.89 5.31 15.43
C VAL A 104 -5.09 5.52 16.38
N GLU A 105 -5.37 4.49 17.16
CA GLU A 105 -6.43 4.50 18.14
C GLU A 105 -6.12 5.46 19.31
N LYS A 106 -4.93 5.36 19.92
CA LYS A 106 -4.66 6.06 21.18
C LYS A 106 -4.26 7.52 20.95
N ASP A 107 -3.38 7.75 19.98
CA ASP A 107 -2.82 9.03 19.72
C ASP A 107 -3.70 9.83 18.76
N GLY A 108 -4.08 9.21 17.62
CA GLY A 108 -5.03 9.79 16.73
C GLY A 108 -4.51 10.93 15.88
N SER A 109 -3.19 11.20 15.84
CA SER A 109 -2.65 12.35 15.08
C SER A 109 -1.96 11.86 13.81
N VAL A 110 -2.05 12.70 12.78
CA VAL A 110 -1.26 12.54 11.56
C VAL A 110 0.23 12.58 11.92
N SER A 111 0.63 13.55 12.74
CA SER A 111 2.04 13.75 13.04
C SER A 111 2.70 12.50 13.64
N SER A 112 2.02 11.85 14.59
N SER A 112 2.04 11.84 14.60
CA SER A 112 2.53 10.65 15.25
CA SER A 112 2.63 10.66 15.23
C SER A 112 2.66 9.50 14.25
C SER A 112 2.67 9.47 14.25
N LEU A 113 1.65 9.37 13.39
CA LEU A 113 1.65 8.28 12.38
C LEU A 113 2.78 8.51 11.37
N LEU A 114 2.96 9.74 10.92
CA LEU A 114 3.96 10.07 9.95
C LEU A 114 5.36 9.82 10.56
N LYS A 115 5.53 10.08 11.86
CA LYS A 115 6.82 9.82 12.52
C LYS A 115 7.15 8.34 12.53
N VAL A 116 6.17 7.48 12.81
CA VAL A 116 6.43 6.04 12.78
C VAL A 116 6.82 5.59 11.36
N PHE A 117 6.10 6.08 10.35
CA PHE A 117 6.36 5.64 8.97
C PHE A 117 7.66 6.24 8.41
N ASN A 118 8.22 7.27 9.06
CA ASN A 118 9.51 7.80 8.69
C ASN A 118 10.64 7.29 9.59
N ASP A 119 10.34 6.43 10.56
CA ASP A 119 11.33 5.75 11.37
C ASP A 119 11.78 4.51 10.61
N GLN A 120 13.03 4.45 10.17
CA GLN A 120 13.43 3.40 9.25
C GLN A 120 13.11 2.01 9.81
N SER A 121 13.39 1.80 11.09
CA SER A 121 13.18 0.51 11.73
C SER A 121 11.69 0.18 11.88
N ALA A 122 10.89 1.06 12.44
CA ALA A 122 9.46 0.77 12.60
C ALA A 122 8.81 0.58 11.21
N SER A 123 9.12 1.48 10.29
CA SER A 123 8.47 1.50 8.96
C SER A 123 8.80 0.20 8.23
N ASP A 124 10.07 -0.21 8.25
CA ASP A 124 10.50 -1.44 7.56
C ASP A 124 9.90 -2.67 8.23
N HIS A 125 9.71 -2.68 9.55
CA HIS A 125 9.08 -3.81 10.18
C HIS A 125 7.61 -3.88 9.73
N ILE A 126 6.96 -2.74 9.62
CA ILE A 126 5.58 -2.67 9.09
C ILE A 126 5.51 -3.22 7.66
N VAL A 127 6.39 -2.74 6.80
CA VAL A 127 6.42 -3.22 5.42
C VAL A 127 6.64 -4.74 5.41
N GLN A 128 7.60 -5.26 6.21
CA GLN A 128 7.87 -6.71 6.19
C GLN A 128 6.60 -7.48 6.60
N PHE A 129 5.88 -6.99 7.60
CA PHE A 129 4.62 -7.62 8.01
C PHE A 129 3.65 -7.69 6.82
N LEU A 130 3.45 -6.54 6.14
CA LEU A 130 2.50 -6.49 5.05
C LEU A 130 2.93 -7.45 3.93
N ARG A 131 4.24 -7.56 3.68
CA ARG A 131 4.72 -8.50 2.68
C ARG A 131 4.37 -9.94 3.08
N LEU A 132 4.62 -10.32 4.35
CA LEU A 132 4.30 -11.69 4.79
C LEU A 132 2.80 -11.95 4.71
N LEU A 133 1.99 -10.96 5.08
CA LEU A 133 0.53 -11.15 4.98
C LEU A 133 0.09 -11.31 3.51
N THR A 134 0.66 -10.54 2.59
CA THR A 134 0.36 -10.67 1.19
C THR A 134 0.69 -12.09 0.73
N SER A 135 1.91 -12.54 1.06
CA SER A 135 2.35 -13.89 0.70
C SER A 135 1.39 -14.96 1.25
N ALA A 136 1.02 -14.85 2.53
CA ALA A 136 0.12 -15.83 3.17
C ALA A 136 -1.21 -15.86 2.41
N PHE A 137 -1.73 -14.69 2.09
CA PHE A 137 -3.06 -14.60 1.49
C PHE A 137 -3.06 -15.27 0.12
N ILE A 138 -2.01 -15.05 -0.68
CA ILE A 138 -1.86 -15.65 -2.02
C ILE A 138 -1.71 -17.17 -1.86
N ARG A 139 -0.83 -17.59 -0.96
CA ARG A 139 -0.56 -19.04 -0.78
C ARG A 139 -1.84 -19.79 -0.36
N ASN A 140 -2.63 -19.20 0.53
CA ASN A 140 -3.84 -19.83 1.06
C ASN A 140 -4.95 -19.85 0.01
N ARG A 141 -4.82 -19.08 -1.06
CA ARG A 141 -5.82 -18.96 -2.12
C ARG A 141 -5.15 -19.20 -3.47
N ALA A 142 -4.25 -20.16 -3.52
CA ALA A 142 -3.46 -20.34 -4.75
C ALA A 142 -4.34 -20.64 -5.97
N ASP A 143 -5.40 -21.44 -5.77
CA ASP A 143 -6.32 -21.82 -6.89
C ASP A 143 -7.00 -20.57 -7.48
N PHE A 144 -7.38 -19.63 -6.60
CA PHE A 144 -8.02 -18.40 -6.99
C PHE A 144 -7.09 -17.57 -7.86
N PHE A 145 -5.84 -17.40 -7.40
CA PHE A 145 -4.90 -16.58 -8.10
C PHE A 145 -4.58 -17.27 -9.45
N ARG A 146 -4.43 -18.61 -9.49
CA ARG A 146 -4.22 -19.29 -10.79
C ARG A 146 -5.45 -19.14 -11.72
N HIS A 147 -6.66 -19.28 -11.16
CA HIS A 147 -7.86 -19.26 -12.05
C HIS A 147 -8.01 -17.87 -12.69
N PHE A 148 -7.86 -16.80 -11.89
CA PHE A 148 -8.28 -15.45 -12.32
C PHE A 148 -7.10 -14.61 -12.82
N ILE A 149 -5.86 -14.91 -12.38
CA ILE A 149 -4.66 -14.10 -12.78
C ILE A 149 -3.86 -14.83 -13.86
N ASP A 150 -3.48 -16.09 -13.61
CA ASP A 150 -2.57 -16.74 -14.54
C ASP A 150 -2.44 -18.23 -14.18
N GLU A 151 -3.00 -19.06 -15.04
CA GLU A 151 -3.10 -20.50 -14.84
C GLU A 151 -1.71 -21.14 -14.91
N GLU A 152 -0.74 -20.47 -15.56
CA GLU A 152 0.60 -21.04 -15.75
C GLU A 152 1.57 -20.67 -14.61
N MET A 153 1.19 -19.75 -13.69
CA MET A 153 2.22 -19.21 -12.75
C MET A 153 2.46 -20.20 -11.61
N ASP A 154 3.71 -20.20 -11.15
CA ASP A 154 4.16 -20.95 -9.99
C ASP A 154 4.00 -20.14 -8.69
N ILE A 155 2.98 -20.45 -7.88
CA ILE A 155 2.57 -19.52 -6.78
C ILE A 155 3.60 -19.48 -5.67
N LYS A 156 4.12 -20.62 -5.28
CA LYS A 156 5.06 -20.69 -4.18
C LYS A 156 6.36 -19.95 -4.54
N ASP A 157 6.84 -20.15 -5.75
CA ASP A 157 8.09 -19.48 -6.18
C ASP A 157 7.87 -17.98 -6.29
N PHE A 158 6.72 -17.57 -6.83
CA PHE A 158 6.41 -16.15 -6.93
C PHE A 158 6.44 -15.50 -5.54
N CYS A 159 5.79 -16.12 -4.56
CA CYS A 159 5.71 -15.52 -3.22
C CYS A 159 7.12 -15.44 -2.60
N THR A 160 7.91 -16.50 -2.74
CA THR A 160 9.27 -16.56 -2.22
C THR A 160 10.15 -15.46 -2.84
N HIS A 161 10.00 -15.21 -4.13
CA HIS A 161 10.95 -14.34 -4.84
C HIS A 161 10.45 -12.91 -4.97
N GLU A 162 9.12 -12.72 -5.07
CA GLU A 162 8.60 -11.42 -5.52
C GLU A 162 7.62 -10.76 -4.55
N VAL A 163 7.38 -11.39 -3.41
CA VAL A 163 6.51 -10.85 -2.38
C VAL A 163 7.25 -10.73 -1.06
N GLU A 164 7.76 -11.85 -0.51
CA GLU A 164 8.35 -11.86 0.82
C GLU A 164 9.58 -10.97 0.95
N PRO A 165 10.55 -10.97 0.00
CA PRO A 165 11.78 -10.20 0.25
C PRO A 165 11.57 -8.69 0.24
N MET A 166 12.22 -7.99 1.17
CA MET A 166 12.23 -6.53 1.08
C MET A 166 12.75 -6.09 -0.29
N ALA A 167 12.28 -4.93 -0.74
CA ALA A 167 12.77 -4.19 -1.92
C ALA A 167 12.32 -4.82 -3.23
N THR A 168 11.42 -5.82 -3.19
CA THR A 168 10.87 -6.45 -4.42
C THR A 168 9.64 -5.67 -4.88
N GLU A 169 9.66 -5.32 -6.17
CA GLU A 169 8.60 -4.53 -6.78
C GLU A 169 7.32 -5.38 -6.94
N CYS A 170 6.19 -4.67 -6.84
N CYS A 170 6.17 -4.75 -6.82
CA CYS A 170 4.84 -5.22 -6.88
CA CYS A 170 4.95 -5.51 -6.89
C CYS A 170 4.32 -5.31 -8.32
C CYS A 170 4.31 -5.31 -8.27
N ASP A 171 3.25 -6.08 -8.50
CA ASP A 171 2.45 -6.09 -9.71
C ASP A 171 0.99 -6.10 -9.23
N HIS A 172 0.04 -6.27 -10.16
CA HIS A 172 -1.34 -6.19 -9.75
C HIS A 172 -1.71 -7.35 -8.80
N ILE A 173 -1.08 -8.53 -8.88
CA ILE A 173 -1.38 -9.63 -7.95
C ILE A 173 -1.17 -9.17 -6.50
N GLN A 174 -0.02 -8.55 -6.18
CA GLN A 174 0.22 -8.16 -4.78
C GLN A 174 -0.80 -7.10 -4.33
N ILE A 175 -1.17 -6.19 -5.23
CA ILE A 175 -2.14 -5.14 -4.86
C ILE A 175 -3.49 -5.78 -4.51
N THR A 176 -3.98 -6.67 -5.40
CA THR A 176 -5.26 -7.35 -5.18
C THR A 176 -5.21 -8.14 -3.88
N ALA A 177 -4.12 -8.89 -3.67
CA ALA A 177 -3.99 -9.73 -2.49
C ALA A 177 -3.99 -8.91 -1.20
N LEU A 178 -3.21 -7.84 -1.13
CA LEU A 178 -3.11 -7.12 0.15
C LEU A 178 -4.43 -6.36 0.40
N SER A 179 -5.01 -5.77 -0.66
CA SER A 179 -6.37 -5.15 -0.58
C SER A 179 -7.37 -6.13 0.02
N GLN A 180 -7.42 -7.36 -0.50
CA GLN A 180 -8.37 -8.39 -0.01
C GLN A 180 -8.00 -8.80 1.43
N ALA A 181 -6.71 -8.98 1.71
CA ALA A 181 -6.24 -9.49 3.00
C ALA A 181 -6.61 -8.56 4.15
N LEU A 182 -6.67 -7.26 3.90
CA LEU A 182 -7.00 -6.28 4.94
C LEU A 182 -8.34 -5.56 4.71
N SER A 183 -9.12 -5.96 3.71
CA SER A 183 -10.39 -5.34 3.36
C SER A 183 -10.22 -3.83 3.09
N ILE A 184 -9.15 -3.45 2.39
CA ILE A 184 -8.86 -2.04 2.01
C ILE A 184 -9.32 -1.85 0.56
N ALA A 185 -10.20 -0.88 0.32
CA ALA A 185 -10.54 -0.46 -1.05
C ALA A 185 -9.58 0.64 -1.47
N LEU A 186 -8.94 0.47 -2.61
CA LEU A 186 -8.00 1.48 -3.08
C LEU A 186 -8.18 1.70 -4.58
N GLN A 187 -7.84 2.92 -4.99
CA GLN A 187 -7.89 3.33 -6.38
C GLN A 187 -6.47 3.73 -6.79
N VAL A 188 -5.98 3.19 -7.90
CA VAL A 188 -4.67 3.51 -8.45
C VAL A 188 -4.91 4.29 -9.74
N GLU A 189 -4.34 5.49 -9.80
CA GLU A 189 -4.25 6.36 -11.02
C GLU A 189 -2.96 6.03 -11.76
N TYR A 190 -3.05 5.82 -13.07
CA TYR A 190 -1.88 5.40 -13.84
C TYR A 190 -1.43 6.55 -14.72
N VAL A 191 -0.17 6.98 -14.55
CA VAL A 191 0.44 8.03 -15.37
C VAL A 191 1.67 7.45 -16.04
N ASP A 192 1.59 7.16 -17.35
CA ASP A 192 2.78 6.74 -18.12
C ASP A 192 3.06 7.84 -19.15
N GLU A 193 4.13 7.65 -19.96
CA GLU A 193 4.54 8.69 -20.89
C GLU A 193 4.00 8.41 -22.30
N MET A 194 2.94 7.62 -22.44
CA MET A 194 2.32 7.42 -23.72
C MET A 194 1.16 8.39 -23.90
N ASP A 195 0.84 8.74 -25.16
CA ASP A 195 -0.12 9.81 -25.44
C ASP A 195 -1.54 9.26 -25.38
N THR A 196 -1.92 8.87 -24.18
CA THR A 196 -3.10 8.05 -23.89
C THR A 196 -3.91 8.72 -22.79
N ALA A 197 -5.09 8.16 -22.45
CA ALA A 197 -5.91 8.71 -21.37
C ALA A 197 -5.28 8.44 -20.01
N LEU A 198 -5.37 9.46 -19.15
CA LEU A 198 -5.22 9.22 -17.71
C LEU A 198 -6.34 8.27 -17.31
N ASN A 199 -5.99 7.23 -16.57
CA ASN A 199 -6.95 6.17 -16.28
C ASN A 199 -6.70 5.62 -14.88
N HIS A 200 -7.71 4.94 -14.31
CA HIS A 200 -7.53 4.35 -12.99
C HIS A 200 -8.22 2.99 -12.86
N HIS A 201 -7.89 2.31 -11.77
CA HIS A 201 -8.50 1.00 -11.41
C HIS A 201 -8.78 0.98 -9.91
N VAL A 202 -9.93 0.40 -9.50
CA VAL A 202 -10.33 0.31 -8.11
C VAL A 202 -10.21 -1.17 -7.70
N PHE A 203 -9.53 -1.41 -6.59
CA PHE A 203 -9.29 -2.73 -6.04
C PHE A 203 -10.06 -2.83 -4.74
N PRO A 204 -11.10 -3.70 -4.61
CA PRO A 204 -11.84 -4.40 -5.64
C PRO A 204 -12.87 -3.53 -6.38
N GLU A 205 -13.48 -4.12 -7.43
CA GLU A 205 -14.25 -3.39 -8.48
C GLU A 205 -15.41 -2.58 -7.88
N ALA A 206 -16.10 -3.13 -6.88
CA ALA A 206 -17.37 -2.58 -6.45
C ALA A 206 -17.24 -1.24 -5.67
N ALA A 207 -16.03 -0.89 -5.19
CA ALA A 207 -15.91 -0.35 -3.82
C ALA A 207 -15.67 1.17 -3.79
N THR A 208 -16.07 1.81 -2.68
CA THR A 208 -15.69 3.19 -2.40
C THR A 208 -14.27 3.22 -1.84
N PRO A 209 -13.27 3.86 -2.48
CA PRO A 209 -11.90 3.81 -1.98
C PRO A 209 -11.68 4.56 -0.65
N SER A 210 -10.78 4.01 0.17
CA SER A 210 -10.21 4.65 1.35
C SER A 210 -8.92 5.39 0.97
N VAL A 211 -8.22 4.86 -0.03
CA VAL A 211 -6.85 5.22 -0.39
C VAL A 211 -6.84 5.48 -1.89
N TYR A 212 -6.13 6.52 -2.30
CA TYR A 212 -5.82 6.81 -3.71
C TYR A 212 -4.30 6.86 -3.88
N LEU A 213 -3.75 6.11 -4.86
CA LEU A 213 -2.31 6.12 -5.16
C LEU A 213 -2.12 6.55 -6.61
N LEU A 214 -0.99 7.22 -6.83
CA LEU A 214 -0.53 7.58 -8.18
C LEU A 214 0.62 6.62 -8.54
N TYR A 215 0.44 5.85 -9.61
CA TYR A 215 1.52 5.00 -10.14
C TYR A 215 2.18 5.64 -11.37
N LYS A 216 3.50 5.86 -11.27
CA LYS A 216 4.27 6.61 -12.30
C LYS A 216 5.75 6.27 -12.14
N THR A 217 6.47 5.98 -13.23
CA THR A 217 7.90 5.62 -13.18
C THR A 217 8.15 4.46 -12.17
N SER A 218 7.34 3.38 -12.22
CA SER A 218 7.38 2.15 -11.32
C SER A 218 7.19 2.46 -9.80
N HIS A 219 6.57 3.58 -9.50
CA HIS A 219 6.57 4.19 -8.21
C HIS A 219 5.13 4.56 -7.80
N TYR A 220 4.79 4.43 -6.51
CA TYR A 220 3.49 4.79 -5.93
C TYR A 220 3.65 5.96 -4.96
N ASN A 221 2.91 7.04 -5.21
CA ASN A 221 2.79 8.19 -4.31
C ASN A 221 1.33 8.24 -3.85
N ILE A 222 1.05 9.01 -2.80
CA ILE A 222 -0.27 9.04 -2.16
C ILE A 222 -1.03 10.29 -2.64
N LEU A 223 -2.26 10.10 -3.11
CA LEU A 223 -3.13 11.23 -3.56
C LEU A 223 -4.22 11.52 -2.55
N TYR A 224 -4.66 12.77 -2.52
CA TYR A 224 -5.77 13.23 -1.71
C TYR A 224 -6.86 13.83 -2.61
N ALA A 225 -8.06 13.27 -2.50
CA ALA A 225 -9.23 13.70 -3.25
C ALA A 225 -9.64 15.11 -2.80
#